data_5P9W
#
_entry.id   5P9W
#
_cell.length_a   49.814
_cell.length_b   54.366
_cell.length_c   81.040
_cell.angle_alpha   90.00
_cell.angle_beta   90.00
_cell.angle_gamma   90.00
#
_symmetry.space_group_name_H-M   'P 21 21 21'
#
loop_
_entity.id
_entity.type
_entity.pdbx_description
1 polymer 'Catechol O-methyltransferase'
2 non-polymer 'MAGNESIUM ION'
3 non-polymer 'CHLORIDE ION'
4 non-polymer "4'-fluoro-4,5-dihydroxy-N-{[(1R,2R)-2-{(2S,4R,5R)-4-hydroxy-5-[6-(methylamino)-9H-purin-9-yl]oxolan-2-yl}cyclopropyl]methyl}[1,1'-biphenyl]-3-carboxamide"
5 non-polymer 'SULFATE ION'
6 non-polymer (4S,5S)-1,2-DITHIANE-4,5-DIOL
7 non-polymer '2-[N-CYCLOHEXYLAMINO]ETHANE SULFONIC ACID'
8 water water
#
_entity_poly.entity_id   1
_entity_poly.type   'polypeptide(L)'
_entity_poly.pdbx_seq_one_letter_code
;MGDTKEQRILRYVQQNAKPGDPQSVLEAIDTYCTQKEWAMNVGDAKGQIMDAVIREYSPSLVLELGAYCGYSAVRMARLL
QPGARLLTMEMNPDYAAITQQMLNFAGLQDKVTILNGASQDLIPQLKKKYDVDTLDMVFLDHWKDRYLPDTLLLEKCGLL
RKGTVLLADNVIVPGTPDFLAYVRGSSSFECTHYSSYLEYMKVVDGLEKAIYQGPSSPDKS
;
_entity_poly.pdbx_strand_id   A
#
loop_
_chem_comp.id
_chem_comp.type
_chem_comp.name
_chem_comp.formula
7JN non-polymer 4'-fluoro-4,5-dihydroxy-N-{[(1R,2R)-2-{(2S,4R,5R)-4-hydroxy-5-[6-(methylamino)-9H-purin-9-yl]oxolan-2-yl}cyclopropyl]methyl}[1,1'-biphenyl]-3-carboxamide 'C27 H27 F N6 O5'
CL non-polymer 'CHLORIDE ION' 'Cl -1'
D1D non-polymer (4S,5S)-1,2-DITHIANE-4,5-DIOL 'C4 H8 O2 S2'
MG non-polymer 'MAGNESIUM ION' 'Mg 2'
NHE non-polymer '2-[N-CYCLOHEXYLAMINO]ETHANE SULFONIC ACID' 'C8 H17 N O3 S'
SO4 non-polymer 'SULFATE ION' 'O4 S -2'
#
# COMPACT_ATOMS: atom_id res chain seq x y z
N ASP A 3 -25.34 6.99 -3.99
CA ASP A 3 -23.88 6.90 -4.13
C ASP A 3 -23.30 5.74 -3.32
N THR A 4 -22.01 5.45 -3.55
CA THR A 4 -21.30 4.40 -2.84
C THR A 4 -20.59 4.97 -1.62
N LYS A 5 -20.20 4.07 -0.74
CA LYS A 5 -19.39 4.43 0.41
C LYS A 5 -18.10 5.15 0.01
N GLU A 6 -17.47 4.69 -1.08
CA GLU A 6 -16.25 5.32 -1.51
C GLU A 6 -16.45 6.73 -2.04
N GLN A 7 -17.56 6.94 -2.76
CA GLN A 7 -17.93 8.32 -3.15
C GLN A 7 -18.21 9.21 -1.94
N ARG A 8 -18.84 8.66 -0.92
CA ARG A 8 -19.11 9.44 0.28
C ARG A 8 -17.82 9.83 0.99
N ILE A 9 -16.84 8.90 1.00
CA ILE A 9 -15.54 9.17 1.64
C ILE A 9 -14.82 10.31 0.88
N LEU A 10 -14.81 10.22 -0.47
CA LEU A 10 -14.16 11.26 -1.28
C LEU A 10 -14.84 12.61 -1.08
N ARG A 11 -16.18 12.62 -1.12
CA ARG A 11 -16.89 13.88 -0.87
C ARG A 11 -16.54 14.45 0.49
N TYR A 12 -16.50 13.62 1.51
CA TYR A 12 -16.20 14.09 2.84
C TYR A 12 -14.81 14.73 2.91
N VAL A 13 -13.81 14.07 2.30
CA VAL A 13 -12.47 14.66 2.23
C VAL A 13 -12.53 16.05 1.54
N GLN A 14 -13.20 16.10 0.40
CA GLN A 14 -13.27 17.38 -0.39
C GLN A 14 -13.86 18.52 0.45
N GLN A 15 -14.72 18.16 1.39
CA GLN A 15 -15.50 19.17 2.15
C GLN A 15 -14.97 19.38 3.57
N ASN A 16 -13.96 18.60 3.97
CA ASN A 16 -13.48 18.60 5.36
C ASN A 16 -11.96 18.59 5.51
N ALA A 17 -11.25 18.58 4.40
CA ALA A 17 -9.80 18.66 4.40
C ALA A 17 -9.39 19.88 3.56
N LYS A 18 -8.10 20.18 3.59
CA LYS A 18 -7.55 21.34 2.88
C LYS A 18 -6.87 20.87 1.61
N PRO A 19 -7.26 21.39 0.43
CA PRO A 19 -6.56 20.99 -0.77
C PRO A 19 -5.07 21.16 -0.67
N GLY A 20 -4.36 20.17 -1.16
CA GLY A 20 -2.93 20.15 -1.15
C GLY A 20 -2.27 19.81 0.18
N ASP A 21 -3.04 19.40 1.19
CA ASP A 21 -2.53 19.04 2.50
C ASP A 21 -2.81 17.58 2.81
N PRO A 22 -1.86 16.69 2.51
CA PRO A 22 -2.10 15.26 2.70
C PRO A 22 -2.46 14.86 4.11
N GLN A 23 -1.82 15.46 5.12
CA GLN A 23 -2.13 15.07 6.50
C GLN A 23 -3.62 15.34 6.78
N SER A 24 -4.17 16.47 6.28
CA SER A 24 -5.59 16.77 6.50
CA SER A 24 -5.57 16.79 6.48
C SER A 24 -6.47 15.74 5.79
N VAL A 25 -6.02 15.25 4.65
CA VAL A 25 -6.80 14.24 3.93
C VAL A 25 -6.86 12.93 4.75
N LEU A 26 -5.74 12.49 5.27
CA LEU A 26 -5.71 11.27 6.11
C LEU A 26 -6.63 11.42 7.34
N GLU A 27 -6.55 12.57 8.00
CA GLU A 27 -7.35 12.84 9.18
C GLU A 27 -8.82 12.82 8.84
N ALA A 28 -9.20 13.38 7.69
CA ALA A 28 -10.60 13.40 7.26
C ALA A 28 -11.09 12.01 7.01
N ILE A 29 -10.29 11.20 6.33
CA ILE A 29 -10.68 9.83 6.06
C ILE A 29 -10.84 9.04 7.36
N ASP A 30 -9.88 9.18 8.27
CA ASP A 30 -9.93 8.48 9.55
C ASP A 30 -11.14 8.93 10.39
N THR A 31 -11.46 10.21 10.37
CA THR A 31 -12.63 10.69 11.12
C THR A 31 -13.92 10.10 10.54
N TYR A 32 -14.05 10.15 9.22
CA TYR A 32 -15.21 9.60 8.52
C TYR A 32 -15.42 8.13 8.88
N CYS A 33 -14.34 7.38 8.87
CA CYS A 33 -14.46 5.93 9.01
C CYS A 33 -14.58 5.47 10.45
N THR A 34 -14.24 6.34 11.39
CA THR A 34 -14.45 6.16 12.80
C THR A 34 -15.87 6.55 13.21
N GLN A 35 -16.36 7.67 12.69
CA GLN A 35 -17.62 8.25 13.15
C GLN A 35 -18.81 7.86 12.31
N LYS A 36 -18.62 7.59 11.01
CA LYS A 36 -19.73 7.41 10.09
C LYS A 36 -19.84 5.98 9.55
N GLU A 37 -18.86 5.55 8.75
CA GLU A 37 -18.91 4.22 8.15
C GLU A 37 -17.49 3.61 8.13
N TRP A 38 -17.31 2.43 8.69
CA TRP A 38 -16.04 1.70 8.54
C TRP A 38 -15.67 1.52 7.07
N ALA A 39 -14.37 1.58 6.77
CA ALA A 39 -13.89 1.13 5.47
C ALA A 39 -12.47 0.56 5.57
N MET A 40 -12.12 -0.24 4.57
CA MET A 40 -10.88 -1.04 4.61
C MET A 40 -9.61 -0.23 4.21
N ASN A 41 -9.51 1.00 4.72
CA ASN A 41 -8.26 1.77 4.59
C ASN A 41 -7.26 1.21 5.59
N VAL A 42 -5.95 1.36 5.40
CA VAL A 42 -5.01 0.76 6.36
CA VAL A 42 -4.98 0.81 6.37
C VAL A 42 -5.19 1.39 7.76
N GLY A 43 -5.61 2.63 7.85
CA GLY A 43 -5.96 3.28 9.12
C GLY A 43 -4.75 3.87 9.81
N ASP A 44 -5.02 4.62 10.86
CA ASP A 44 -3.95 5.34 11.56
C ASP A 44 -3.03 4.46 12.40
N ALA A 45 -3.53 3.41 13.02
CA ALA A 45 -2.68 2.56 13.90
C ALA A 45 -1.59 1.89 13.06
N LYS A 46 -2.00 1.19 12.02
CA LYS A 46 -1.05 0.55 11.12
C LYS A 46 -0.32 1.60 10.27
N GLY A 47 -1.03 2.68 9.93
CA GLY A 47 -0.45 3.79 9.19
C GLY A 47 0.78 4.37 9.84
N GLN A 48 0.77 4.48 11.17
CA GLN A 48 1.94 4.97 11.89
C GLN A 48 3.16 4.07 11.74
N ILE A 49 2.93 2.77 11.71
CA ILE A 49 4.00 1.79 11.45
C ILE A 49 4.50 1.91 10.01
N MET A 50 3.59 2.02 9.02
CA MET A 50 3.99 2.30 7.63
CA MET A 50 3.96 2.29 7.63
C MET A 50 4.85 3.54 7.54
N ASP A 51 4.46 4.61 8.21
CA ASP A 51 5.23 5.87 8.19
C ASP A 51 6.66 5.61 8.67
N ALA A 52 6.80 4.88 9.75
CA ALA A 52 8.10 4.60 10.32
C ALA A 52 8.98 3.80 9.36
N VAL A 53 8.39 2.83 8.68
CA VAL A 53 9.06 2.06 7.63
C VAL A 53 9.49 2.93 6.47
N ILE A 54 8.58 3.73 5.92
CA ILE A 54 8.94 4.61 4.81
C ILE A 54 10.07 5.56 5.17
N ARG A 55 10.04 6.11 6.37
CA ARG A 55 11.07 7.04 6.80
C ARG A 55 12.40 6.33 6.94
N GLU A 56 12.39 5.07 7.35
CA GLU A 56 13.66 4.34 7.53
C GLU A 56 14.33 4.08 6.21
N TYR A 57 13.58 3.66 5.18
CA TYR A 57 14.14 3.26 3.89
C TYR A 57 14.17 4.33 2.79
N SER A 58 13.39 5.39 2.96
CA SER A 58 13.32 6.48 1.97
CA SER A 58 13.32 6.48 1.97
C SER A 58 13.33 5.90 0.54
N PRO A 59 12.36 5.03 0.21
CA PRO A 59 12.39 4.39 -1.13
C PRO A 59 12.20 5.35 -2.26
N SER A 60 12.91 5.15 -3.37
CA SER A 60 12.74 5.99 -4.54
C SER A 60 11.61 5.50 -5.45
N LEU A 61 11.34 4.20 -5.43
CA LEU A 61 10.28 3.62 -6.25
C LEU A 61 9.53 2.57 -5.43
N VAL A 62 8.26 2.85 -5.18
CA VAL A 62 7.35 2.00 -4.42
C VAL A 62 6.25 1.47 -5.35
N LEU A 63 5.91 0.19 -5.24
CA LEU A 63 4.77 -0.47 -5.88
C LEU A 63 3.76 -0.80 -4.78
N GLU A 64 2.54 -0.39 -4.97
CA GLU A 64 1.37 -0.78 -4.16
C GLU A 64 0.41 -1.65 -4.92
N LEU A 65 0.01 -2.78 -4.30
CA LEU A 65 -0.98 -3.69 -4.85
C LEU A 65 -2.26 -3.51 -4.11
N GLY A 66 -3.22 -2.89 -4.75
CA GLY A 66 -4.54 -2.62 -4.16
C GLY A 66 -4.54 -1.17 -3.69
N ALA A 67 -5.25 -0.30 -4.36
CA ALA A 67 -5.32 1.13 -3.94
C ALA A 67 -6.54 1.47 -3.06
N TYR A 68 -7.69 0.90 -3.39
CA TYR A 68 -8.94 1.23 -2.78
C TYR A 68 -9.36 2.68 -2.98
N CYS A 69 -9.28 3.52 -1.94
CA CYS A 69 -9.63 4.94 -2.06
C CYS A 69 -8.42 5.85 -2.09
N GLY A 70 -7.24 5.26 -2.01
CA GLY A 70 -6.00 6.04 -2.06
C GLY A 70 -5.42 6.41 -0.69
N TYR A 71 -6.00 5.92 0.42
CA TYR A 71 -5.46 6.26 1.72
C TYR A 71 -3.97 5.93 1.90
N SER A 72 -3.63 4.65 1.63
CA SER A 72 -2.24 4.23 1.76
C SER A 72 -1.33 4.91 0.75
N ALA A 73 -1.87 5.20 -0.45
CA ALA A 73 -1.08 5.91 -1.46
C ALA A 73 -0.76 7.34 -0.97
N VAL A 74 -1.75 8.03 -0.39
CA VAL A 74 -1.51 9.33 0.21
C VAL A 74 -0.52 9.21 1.38
N ARG A 75 -0.69 8.19 2.23
CA ARG A 75 0.16 8.03 3.39
CA ARG A 75 0.19 8.00 3.41
C ARG A 75 1.64 7.88 2.98
N MET A 76 1.91 7.01 1.99
CA MET A 76 3.27 6.78 1.55
C MET A 76 3.78 7.95 0.74
N ALA A 77 2.98 8.41 -0.23
CA ALA A 77 3.49 9.45 -1.14
C ALA A 77 3.86 10.74 -0.44
N ARG A 78 3.16 11.09 0.63
CA ARG A 78 3.42 12.34 1.35
C ARG A 78 4.81 12.32 1.99
N LEU A 79 5.37 11.13 2.24
CA LEU A 79 6.68 11.01 2.87
C LEU A 79 7.82 10.73 1.89
N LEU A 80 7.51 10.56 0.61
CA LEU A 80 8.54 10.33 -0.42
C LEU A 80 9.35 11.59 -0.64
N GLN A 81 10.64 11.40 -0.93
CA GLN A 81 11.55 12.50 -1.29
C GLN A 81 11.24 13.06 -2.65
N PRO A 82 11.63 14.33 -2.92
CA PRO A 82 11.41 14.88 -4.24
C PRO A 82 11.96 13.99 -5.35
N GLY A 83 11.15 13.75 -6.35
CA GLY A 83 11.52 12.86 -7.44
C GLY A 83 11.20 11.37 -7.26
N ALA A 84 10.94 10.93 -6.04
CA ALA A 84 10.58 9.52 -5.76
C ALA A 84 9.14 9.35 -6.23
N ARG A 85 8.79 8.10 -6.50
CA ARG A 85 7.54 7.77 -7.15
C ARG A 85 6.88 6.55 -6.55
N LEU A 86 5.56 6.56 -6.63
CA LEU A 86 4.74 5.41 -6.28
C LEU A 86 3.91 5.00 -7.48
N LEU A 87 3.88 3.71 -7.78
CA LEU A 87 2.95 3.09 -8.73
C LEU A 87 1.95 2.28 -7.92
N THR A 88 0.65 2.46 -8.14
CA THR A 88 -0.36 1.68 -7.42
C THR A 88 -1.32 1.03 -8.41
N MET A 89 -1.56 -0.27 -8.23
CA MET A 89 -2.37 -1.07 -9.12
C MET A 89 -3.71 -1.37 -8.48
N GLU A 90 -4.77 -1.11 -9.23
CA GLU A 90 -6.14 -1.25 -8.72
C GLU A 90 -7.03 -1.73 -9.87
N MET A 91 -7.59 -2.91 -9.73
CA MET A 91 -8.38 -3.48 -10.82
C MET A 91 -9.79 -2.91 -10.93
N ASN A 92 -10.34 -2.39 -9.82
CA ASN A 92 -11.71 -1.84 -9.80
C ASN A 92 -11.68 -0.42 -10.35
N PRO A 93 -12.34 -0.20 -11.53
CA PRO A 93 -12.24 1.10 -12.13
C PRO A 93 -12.86 2.21 -11.29
N ASP A 94 -13.94 1.90 -10.55
CA ASP A 94 -14.53 2.90 -9.69
C ASP A 94 -13.56 3.29 -8.52
N TYR A 95 -12.91 2.30 -7.90
CA TYR A 95 -11.89 2.58 -6.91
C TYR A 95 -10.69 3.36 -7.51
N ALA A 96 -10.26 2.96 -8.72
CA ALA A 96 -9.15 3.66 -9.36
C ALA A 96 -9.53 5.15 -9.54
N ALA A 97 -10.78 5.41 -9.95
CA ALA A 97 -11.22 6.79 -10.13
C ALA A 97 -11.24 7.56 -8.80
N ILE A 98 -11.71 6.93 -7.73
CA ILE A 98 -11.69 7.56 -6.41
C ILE A 98 -10.25 7.90 -5.98
N THR A 99 -9.37 6.92 -6.15
CA THR A 99 -7.98 7.08 -5.82
C THR A 99 -7.36 8.24 -6.57
N GLN A 100 -7.58 8.30 -7.89
CA GLN A 100 -6.99 9.44 -8.64
C GLN A 100 -7.46 10.78 -8.07
N GLN A 101 -8.78 10.89 -7.82
CA GLN A 101 -9.31 12.13 -7.31
C GLN A 101 -8.83 12.48 -5.91
N MET A 102 -8.61 11.45 -5.07
CA MET A 102 -8.08 11.63 -3.75
C MET A 102 -6.65 12.18 -3.83
N LEU A 103 -5.83 11.57 -4.65
CA LEU A 103 -4.47 12.06 -4.85
C LEU A 103 -4.41 13.46 -5.43
N ASN A 104 -5.30 13.76 -6.38
CA ASN A 104 -5.41 15.11 -6.93
C ASN A 104 -5.72 16.13 -5.83
N PHE A 105 -6.71 15.83 -5.00
CA PHE A 105 -7.10 16.71 -3.94
C PHE A 105 -5.92 16.96 -2.95
N ALA A 106 -5.18 15.90 -2.64
CA ALA A 106 -4.03 15.96 -1.72
C ALA A 106 -2.84 16.65 -2.34
N GLY A 107 -2.89 16.87 -3.64
CA GLY A 107 -1.76 17.49 -4.37
C GLY A 107 -0.58 16.58 -4.64
N LEU A 108 -0.83 15.26 -4.63
CA LEU A 108 0.23 14.27 -4.75
C LEU A 108 0.24 13.59 -6.15
N GLN A 109 -0.58 14.09 -7.07
CA GLN A 109 -0.72 13.51 -8.41
C GLN A 109 0.58 13.35 -9.16
N ASP A 110 1.53 14.24 -8.90
CA ASP A 110 2.79 14.14 -9.68
C ASP A 110 3.72 13.02 -9.19
N LYS A 111 3.47 12.53 -8.00
CA LYS A 111 4.30 11.47 -7.39
C LYS A 111 3.74 10.08 -7.64
N VAL A 112 2.47 9.97 -7.97
CA VAL A 112 1.79 8.67 -8.04
C VAL A 112 1.19 8.40 -9.38
N THR A 113 1.33 7.17 -9.86
CA THR A 113 0.66 6.71 -11.08
C THR A 113 -0.29 5.61 -10.64
N ILE A 114 -1.58 5.80 -10.89
CA ILE A 114 -2.59 4.80 -10.58
C ILE A 114 -2.87 4.03 -11.82
N LEU A 115 -2.49 2.76 -11.85
CA LEU A 115 -2.69 1.88 -12.96
C LEU A 115 -3.99 1.05 -12.75
N ASN A 116 -4.98 1.26 -13.63
CA ASN A 116 -6.22 0.48 -13.56
C ASN A 116 -6.13 -0.88 -14.27
N GLY A 117 -5.80 -1.94 -13.53
CA GLY A 117 -5.75 -3.30 -14.03
C GLY A 117 -5.34 -4.24 -12.91
N ALA A 118 -5.27 -5.53 -13.24
CA ALA A 118 -4.87 -6.61 -12.30
C ALA A 118 -3.37 -6.71 -12.24
N SER A 119 -2.86 -6.85 -11.02
CA SER A 119 -1.43 -7.00 -10.78
C SER A 119 -0.78 -8.08 -11.62
N GLN A 120 -1.43 -9.23 -11.80
CA GLN A 120 -0.81 -10.31 -12.53
C GLN A 120 -0.64 -9.99 -14.01
N ASP A 121 -1.46 -9.08 -14.54
CA ASP A 121 -1.33 -8.60 -15.91
C ASP A 121 -0.31 -7.46 -16.00
N LEU A 122 -0.29 -6.55 -15.02
CA LEU A 122 0.55 -5.36 -15.07
C LEU A 122 1.98 -5.57 -14.60
N ILE A 123 2.19 -6.43 -13.59
CA ILE A 123 3.55 -6.66 -13.10
C ILE A 123 4.53 -7.05 -14.23
N PRO A 124 4.11 -7.94 -15.16
CA PRO A 124 5.03 -8.33 -16.24
C PRO A 124 5.35 -7.22 -17.25
N GLN A 125 4.60 -6.14 -17.22
CA GLN A 125 4.79 -4.98 -18.12
C GLN A 125 5.65 -3.90 -17.50
N LEU A 126 5.96 -4.00 -16.20
CA LEU A 126 6.63 -2.90 -15.51
C LEU A 126 7.96 -2.49 -16.15
N LYS A 127 8.78 -3.45 -16.52
CA LYS A 127 10.10 -3.17 -17.06
C LYS A 127 10.03 -2.52 -18.41
N LYS A 128 9.26 -3.10 -19.33
CA LYS A 128 9.28 -2.62 -20.71
C LYS A 128 8.34 -1.48 -20.95
N LYS A 129 7.16 -1.47 -20.31
CA LYS A 129 6.17 -0.39 -20.54
C LYS A 129 6.38 0.80 -19.60
N TYR A 130 6.70 0.54 -18.33
CA TYR A 130 6.81 1.60 -17.34
C TYR A 130 8.25 1.93 -16.93
N ASP A 131 9.22 1.39 -17.66
CA ASP A 131 10.64 1.73 -17.50
C ASP A 131 11.15 1.47 -16.06
N VAL A 132 10.65 0.41 -15.43
CA VAL A 132 11.12 0.04 -14.10
C VAL A 132 12.34 -0.87 -14.23
N ASP A 133 13.33 -0.69 -13.36
CA ASP A 133 14.47 -1.61 -13.27
C ASP A 133 14.09 -2.58 -12.12
N THR A 134 14.32 -2.17 -10.88
CA THR A 134 13.88 -2.91 -9.72
C THR A 134 13.13 -1.98 -8.75
N LEU A 135 12.33 -2.62 -7.89
CA LEU A 135 11.54 -1.91 -6.91
C LEU A 135 12.30 -1.79 -5.60
N ASP A 136 12.12 -0.66 -4.93
CA ASP A 136 12.71 -0.45 -3.61
C ASP A 136 11.81 -0.97 -2.49
N MET A 137 10.50 -0.87 -2.70
CA MET A 137 9.52 -1.27 -1.70
CA MET A 137 9.53 -1.27 -1.70
C MET A 137 8.23 -1.66 -2.37
N VAL A 138 7.55 -2.65 -1.78
CA VAL A 138 6.22 -3.08 -2.25
C VAL A 138 5.28 -3.12 -1.06
N PHE A 139 4.11 -2.48 -1.19
CA PHE A 139 3.03 -2.54 -0.20
C PHE A 139 1.92 -3.44 -0.73
N LEU A 140 1.66 -4.56 -0.05
CA LEU A 140 0.63 -5.51 -0.44
C LEU A 140 -0.61 -5.29 0.39
N ASP A 141 -1.71 -5.01 -0.32
CA ASP A 141 -2.99 -4.74 0.35
C ASP A 141 -4.19 -5.12 -0.53
N HIS A 142 -3.99 -6.11 -1.41
CA HIS A 142 -5.05 -6.53 -2.34
C HIS A 142 -5.64 -7.84 -1.82
N TRP A 143 -6.18 -8.68 -2.68
CA TRP A 143 -6.77 -9.93 -2.25
CA TRP A 143 -6.75 -9.95 -2.28
C TRP A 143 -5.69 -10.75 -1.53
N LYS A 144 -6.05 -11.24 -0.34
CA LYS A 144 -5.05 -11.83 0.57
C LYS A 144 -4.44 -13.11 0.01
N ASP A 145 -5.19 -13.82 -0.82
CA ASP A 145 -4.68 -15.07 -1.47
C ASP A 145 -3.81 -14.75 -2.66
N ARG A 146 -3.59 -13.47 -2.97
CA ARG A 146 -2.71 -13.12 -4.08
C ARG A 146 -1.36 -12.55 -3.59
N TYR A 147 -1.16 -12.36 -2.29
CA TYR A 147 0.14 -11.88 -1.80
C TYR A 147 1.29 -12.82 -2.17
N LEU A 148 1.11 -14.13 -1.94
CA LEU A 148 2.15 -15.07 -2.26
C LEU A 148 2.33 -15.19 -3.78
N PRO A 149 1.28 -15.44 -4.55
CA PRO A 149 1.51 -15.55 -6.00
C PRO A 149 2.19 -14.29 -6.56
N ASP A 150 1.77 -13.12 -6.15
CA ASP A 150 2.39 -11.96 -6.72
C ASP A 150 3.85 -11.72 -6.25
N THR A 151 4.19 -12.12 -5.02
CA THR A 151 5.57 -12.08 -4.57
C THR A 151 6.45 -12.94 -5.47
N LEU A 152 5.98 -14.16 -5.74
CA LEU A 152 6.70 -15.09 -6.61
C LEU A 152 6.81 -14.56 -8.04
N LEU A 153 5.76 -13.88 -8.50
CA LEU A 153 5.77 -13.29 -9.86
C LEU A 153 6.74 -12.10 -9.91
N LEU A 154 6.79 -11.25 -8.86
CA LEU A 154 7.76 -10.15 -8.83
C LEU A 154 9.18 -10.68 -8.94
N GLU A 155 9.48 -11.78 -8.26
CA GLU A 155 10.82 -12.32 -8.34
C GLU A 155 11.09 -12.85 -9.74
N LYS A 156 10.13 -13.60 -10.30
CA LYS A 156 10.30 -14.17 -11.65
C LYS A 156 10.62 -13.09 -12.66
N CYS A 157 9.93 -11.97 -12.53
CA CYS A 157 10.08 -10.84 -13.45
C CYS A 157 11.34 -10.02 -13.23
N GLY A 158 12.17 -10.37 -12.26
CA GLY A 158 13.39 -9.63 -11.99
C GLY A 158 13.24 -8.25 -11.36
N LEU A 159 12.14 -8.07 -10.66
CA LEU A 159 11.79 -6.76 -10.08
C LEU A 159 12.27 -6.56 -8.66
N LEU A 160 12.73 -7.64 -8.03
CA LEU A 160 13.25 -7.59 -6.66
C LEU A 160 14.77 -7.51 -6.72
N ARG A 161 15.35 -6.72 -5.83
CA ARG A 161 16.81 -6.62 -5.66
C ARG A 161 17.16 -6.91 -4.20
N LYS A 162 18.44 -7.13 -3.91
CA LYS A 162 18.84 -7.29 -2.53
C LYS A 162 18.42 -6.04 -1.77
N GLY A 163 17.65 -6.23 -0.73
CA GLY A 163 17.16 -5.09 0.06
C GLY A 163 15.72 -4.64 -0.26
N THR A 164 15.10 -5.12 -1.32
CA THR A 164 13.71 -4.72 -1.57
C THR A 164 12.83 -5.04 -0.34
N VAL A 165 12.08 -4.06 0.10
CA VAL A 165 11.21 -4.17 1.29
C VAL A 165 9.78 -4.53 0.86
N LEU A 166 9.29 -5.72 1.22
CA LEU A 166 7.87 -6.03 1.10
C LEU A 166 7.22 -5.68 2.43
N LEU A 167 6.12 -4.94 2.39
CA LEU A 167 5.35 -4.61 3.61
C LEU A 167 3.90 -5.03 3.34
N ALA A 168 3.38 -5.96 4.13
CA ALA A 168 2.11 -6.66 3.88
C ALA A 168 1.09 -6.30 4.94
N ASP A 169 -0.07 -5.75 4.54
CA ASP A 169 -1.16 -5.44 5.46
C ASP A 169 -1.95 -6.74 5.69
N ASN A 170 -2.60 -6.76 6.86
CA ASN A 170 -3.66 -7.77 7.15
C ASN A 170 -3.14 -9.19 7.26
N VAL A 171 -1.94 -9.32 7.83
CA VAL A 171 -1.37 -10.65 7.91
C VAL A 171 -2.05 -11.50 8.99
N ILE A 172 -2.78 -10.85 9.89
CA ILE A 172 -3.62 -11.50 10.96
C ILE A 172 -5.10 -11.56 10.55
N VAL A 173 -5.65 -10.40 10.19
CA VAL A 173 -7.07 -10.30 9.78
CA VAL A 173 -7.06 -10.33 9.74
C VAL A 173 -7.20 -9.44 8.52
N PRO A 174 -7.76 -9.98 7.40
CA PRO A 174 -8.30 -11.35 7.27
C PRO A 174 -7.28 -12.48 7.33
N GLY A 175 -5.99 -12.15 7.24
CA GLY A 175 -4.93 -13.14 7.26
C GLY A 175 -4.40 -13.52 5.92
N THR A 176 -3.11 -13.86 5.90
CA THR A 176 -2.48 -14.31 4.64
CA THR A 176 -2.41 -14.25 4.68
C THR A 176 -1.55 -15.47 5.00
N PRO A 177 -2.17 -16.58 5.41
CA PRO A 177 -1.36 -17.63 6.04
C PRO A 177 -0.28 -18.29 5.15
N ASP A 178 -0.56 -18.42 3.88
CA ASP A 178 0.44 -19.04 2.96
C ASP A 178 1.61 -18.09 2.73
N PHE A 179 1.32 -16.81 2.46
CA PHE A 179 2.38 -15.80 2.38
C PHE A 179 3.26 -15.76 3.63
N LEU A 180 2.65 -15.67 4.83
CA LEU A 180 3.43 -15.59 6.07
C LEU A 180 4.30 -16.80 6.27
N ALA A 181 3.73 -18.01 6.09
CA ALA A 181 4.51 -19.23 6.22
C ALA A 181 5.70 -19.24 5.26
N TYR A 182 5.44 -18.81 4.06
CA TYR A 182 6.44 -18.82 3.00
C TYR A 182 7.58 -17.88 3.31
N VAL A 183 7.28 -16.59 3.55
CA VAL A 183 8.40 -15.66 3.73
C VAL A 183 9.16 -16.00 4.99
N ARG A 184 8.45 -16.38 6.04
CA ARG A 184 9.12 -16.66 7.33
C ARG A 184 9.99 -17.89 7.25
N GLY A 185 9.66 -18.81 6.33
CA GLY A 185 10.47 -20.02 6.14
C GLY A 185 11.57 -19.96 5.12
N SER A 186 11.61 -18.88 4.36
CA SER A 186 12.52 -18.74 3.23
C SER A 186 13.80 -18.01 3.58
N SER A 187 14.94 -18.62 3.25
CA SER A 187 16.24 -17.96 3.44
CA SER A 187 16.25 -17.97 3.44
C SER A 187 16.42 -16.74 2.54
N SER A 188 15.54 -16.57 1.56
CA SER A 188 15.58 -15.37 0.67
C SER A 188 14.87 -14.12 1.27
N PHE A 189 14.30 -14.28 2.46
CA PHE A 189 13.64 -13.17 3.14
C PHE A 189 14.03 -13.04 4.62
N GLU A 190 14.23 -11.79 5.03
CA GLU A 190 14.41 -11.46 6.46
CA GLU A 190 14.39 -11.47 6.44
C GLU A 190 13.11 -10.80 6.92
N CYS A 191 12.41 -11.43 7.86
CA CYS A 191 11.06 -10.99 8.25
C CYS A 191 10.98 -10.38 9.63
N THR A 192 10.10 -9.40 9.74
CA THR A 192 9.77 -8.72 10.98
C THR A 192 8.26 -8.52 11.08
N HIS A 193 7.69 -8.84 12.22
CA HIS A 193 6.28 -8.68 12.44
C HIS A 193 6.00 -7.48 13.33
N TYR A 194 5.03 -6.66 12.92
CA TYR A 194 4.63 -5.43 13.64
C TYR A 194 3.17 -5.60 14.03
N SER A 195 2.93 -6.01 15.27
CA SER A 195 1.57 -6.25 15.76
C SER A 195 0.87 -4.91 15.93
N SER A 196 -0.40 -4.85 15.55
CA SER A 196 -1.15 -3.63 15.61
C SER A 196 -2.61 -3.94 15.73
N TYR A 197 -3.44 -3.11 15.09
CA TYR A 197 -4.89 -3.25 15.18
C TYR A 197 -5.47 -3.03 13.81
N LEU A 198 -6.53 -3.77 13.55
CA LEU A 198 -7.39 -3.57 12.39
C LEU A 198 -7.87 -2.13 12.37
N GLU A 199 -7.83 -1.51 11.18
CA GLU A 199 -8.28 -0.17 11.02
C GLU A 199 -9.63 0.08 11.69
N TYR A 200 -9.63 1.11 12.57
CA TYR A 200 -10.83 1.63 13.21
C TYR A 200 -11.51 0.67 14.14
N MET A 201 -10.79 -0.38 14.55
CA MET A 201 -11.37 -1.44 15.38
C MET A 201 -10.42 -1.92 16.46
N LYS A 202 -11.03 -2.40 17.55
CA LYS A 202 -10.31 -3.03 18.65
C LYS A 202 -10.23 -4.52 18.38
N VAL A 203 -9.50 -4.84 17.31
CA VAL A 203 -9.24 -6.17 16.85
C VAL A 203 -7.73 -6.21 16.48
N VAL A 204 -7.01 -7.22 16.91
CA VAL A 204 -5.60 -7.34 16.61
C VAL A 204 -5.42 -7.63 15.11
N ASP A 205 -4.48 -6.91 14.50
CA ASP A 205 -4.03 -7.22 13.17
C ASP A 205 -2.50 -6.99 13.20
N GLY A 206 -1.84 -7.02 12.05
CA GLY A 206 -0.41 -6.78 11.99
C GLY A 206 0.06 -6.56 10.59
N LEU A 207 1.23 -5.92 10.51
CA LEU A 207 1.99 -5.83 9.26
C LEU A 207 3.18 -6.79 9.32
N GLU A 208 3.52 -7.39 8.18
CA GLU A 208 4.77 -8.10 8.03
C GLU A 208 5.69 -7.37 7.08
N LYS A 209 6.92 -7.17 7.52
CA LYS A 209 8.00 -6.69 6.65
C LYS A 209 8.83 -7.88 6.27
N ALA A 210 9.09 -8.05 4.98
CA ALA A 210 9.90 -9.15 4.50
C ALA A 210 10.88 -8.53 3.51
N ILE A 211 12.16 -8.51 3.86
CA ILE A 211 13.21 -7.90 3.05
C ILE A 211 13.84 -8.98 2.18
N TYR A 212 13.79 -8.80 0.87
CA TYR A 212 14.39 -9.76 -0.07
C TYR A 212 15.90 -9.75 0.04
N GLN A 213 16.47 -10.94 0.13
CA GLN A 213 17.93 -11.13 0.30
C GLN A 213 18.62 -11.63 -0.97
N GLY A 214 17.89 -11.84 -2.05
CA GLY A 214 18.50 -12.34 -3.30
C GLY A 214 18.27 -13.83 -3.31
N PRO A 215 18.76 -14.52 -4.35
CA PRO A 215 18.66 -16.00 -4.40
C PRO A 215 19.90 -16.70 -3.82
MG MG B . -5.73 -3.77 4.20
CL CL C . -7.01 3.01 13.11
CL CL D . -5.67 2.00 2.14
N1 7JN E . -7.67 -5.97 -5.98
C4 7JN E . -6.17 -7.17 -7.05
C6 7JN E . -9.23 -6.07 3.28
C7 7JN E . -7.71 -7.21 -5.56
C10 7JN E . -9.96 -5.36 -3.71
C13 7JN E . -8.27 -5.20 3.75
C15 7JN E . -9.27 -6.58 1.87
C20 7JN E . -10.19 -6.15 5.51
C21 7JN E . -8.28 -4.73 5.06
C26 7JN E . -8.39 -6.33 -0.41
F38 7JN E . -14.21 -8.07 8.92
C35 7JN E . -13.22 -7.64 8.10
C37 7JN E . -13.56 -7.36 6.80
C30 7JN E . -12.59 -6.91 5.94
C36 7JN E . -11.97 -7.41 8.61
C31 7JN E . -10.98 -6.95 7.73
C27 7JN E . -11.30 -6.68 6.41
C23 7JN E . -9.24 -5.21 5.94
O33 7JN E . -7.33 -3.84 5.54
O32 7JN E . -7.25 -4.67 3.00
C14 7JN E . -10.20 -6.53 4.18
O28 7JN E . -10.05 -7.47 1.51
N24 7JN E . -8.45 -5.98 0.98
C12 7JN E . -9.44 -5.64 -1.25
C11 7JN E . -10.81 -6.29 -1.43
C9 7JN E . -9.80 -6.32 -2.57
O8 7JN E . -8.67 -4.90 -4.15
C19 7JN E . -10.63 -5.92 -4.94
C18 7JN E . -9.97 -5.13 -6.05
O34 7JN E . -10.62 -3.84 -6.06
C3 7JN E . -8.55 -4.88 -5.55
N5 7JN E . -6.82 -7.96 -6.15
C2 7JN E . -6.74 -5.92 -6.93
N17 7JN E . -6.32 -4.89 -7.68
C25 7JN E . -5.33 -5.11 -8.52
N22 7JN E . -4.77 -6.33 -8.70
C16 7JN E . -5.20 -7.38 -7.99
N29 7JN E . -4.60 -8.54 -8.23
C39 7JN E . -5.03 -9.83 -7.65
S SO4 F . 8.52 15.92 -7.24
O1 SO4 F . 9.61 16.78 -6.77
O2 SO4 F . 8.64 14.60 -6.57
O3 SO4 F . 8.69 15.75 -8.68
O4 SO4 F . 7.20 16.47 -6.87
S SO4 G . -9.36 -12.96 0.09
O1 SO4 G . -9.03 -11.49 0.15
O2 SO4 G . -8.21 -13.86 -0.18
O3 SO4 G . -10.21 -13.22 -1.11
O4 SO4 G . -10.06 -13.30 1.32
S SO4 H . -22.73 1.24 -0.72
O1 SO4 H . -21.26 1.39 -0.95
O2 SO4 H . -22.86 0.18 0.32
O3 SO4 H . -23.38 0.82 -1.97
O4 SO4 H . -23.53 2.44 -0.29
S1 D1D I . -15.46 -5.48 11.88
C1 D1D I . -16.87 -4.43 11.71
C2 D1D I . -17.69 -4.30 10.43
O2 D1D I . -18.53 -3.14 10.45
C3 D1D I . -16.75 -3.98 9.28
O3 D1D I . -17.51 -3.76 8.09
C4 D1D I . -15.48 -4.75 9.00
S4 D1D I . -14.33 -4.84 10.33
C3' NHE J . -16.90 -5.32 11.52
C2' NHE J . -17.89 -4.18 11.30
C1' NHE J . -18.07 -3.99 9.81
C6' NHE J . -16.71 -3.59 9.21
N NHE J . -19.15 -3.07 9.42
C1 NHE J . -19.32 -1.72 9.93
C2 NHE J . -20.63 -1.14 9.40
S NHE J . -20.56 0.53 9.27
O1 NHE J . -19.97 0.70 7.93
O2 NHE J . -19.65 0.99 10.36
O3 NHE J . -21.88 1.17 9.45
C5' NHE J . -15.64 -4.64 9.50
C4' NHE J . -15.54 -4.97 10.97
#